data_9BLP
#
_entry.id   9BLP
#
_cell.length_a   54.907
_cell.length_b   44.166
_cell.length_c   64.704
_cell.angle_alpha   90.000
_cell.angle_beta   110.107
_cell.angle_gamma   90.000
#
_symmetry.space_group_name_H-M   'C 1 2 1'
#
loop_
_entity.id
_entity.type
_entity.pdbx_description
1 polymer 'Surface anchored protein'
2 non-polymer 1,2-ETHANEDIOL
3 non-polymer 'CALCIUM ION'
4 water water
#
_entity_poly.entity_id   1
_entity_poly.type   'polypeptide(L)'
_entity_poly.pdbx_seq_one_letter_code
;GAMDPEFNLPEVKDGTLRSTVIADGVNGSSEKEALVSFENSKDGVDVKDTINYEGLVANQNYTLTGTLMHVKADGSLEEI
ATKTTNVTAGENGNGTWGLDFGNQKLQVGEKYVVFENAESVENLIDTDKDYNLDTKQVVKHEDKNDKAQTLVVEKP
;
_entity_poly.pdbx_strand_id   A
#
loop_
_chem_comp.id
_chem_comp.type
_chem_comp.name
_chem_comp.formula
CA non-polymer 'CALCIUM ION' 'Ca 2'
EDO non-polymer 1,2-ETHANEDIOL 'C2 H6 O2'
#
# COMPACT_ATOMS: atom_id res chain seq x y z
N GLY A 15 -6.13 9.91 10.67
CA GLY A 15 -5.22 8.75 10.35
C GLY A 15 -4.58 8.89 8.98
N THR A 16 -3.38 8.36 8.81
CA THR A 16 -2.65 8.37 7.51
C THR A 16 -2.01 7.02 7.24
N LEU A 17 -1.89 6.70 5.96
CA LEU A 17 -1.01 5.62 5.47
C LEU A 17 0.04 6.26 4.57
N ARG A 18 1.29 5.80 4.72
CA ARG A 18 2.36 6.07 3.74
C ARG A 18 2.91 4.71 3.35
N SER A 19 3.56 4.63 2.21
CA SER A 19 3.95 3.32 1.68
C SER A 19 5.30 3.41 0.96
N THR A 20 6.02 2.30 0.97
CA THR A 20 7.25 2.12 0.19
C THR A 20 7.16 0.79 -0.54
N VAL A 21 7.28 0.84 -1.86
CA VAL A 21 7.37 -0.40 -2.67
C VAL A 21 8.82 -0.88 -2.66
N ILE A 22 8.98 -2.19 -2.62
CA ILE A 22 10.30 -2.88 -2.74
C ILE A 22 10.15 -3.88 -3.87
N ALA A 23 10.85 -3.64 -4.96
CA ALA A 23 10.67 -4.36 -6.25
C ALA A 23 12.00 -5.02 -6.60
N ASP A 24 12.05 -6.35 -6.54
CA ASP A 24 13.33 -7.09 -6.71
C ASP A 24 14.39 -6.49 -5.78
N GLY A 25 14.00 -6.13 -4.56
CA GLY A 25 14.93 -5.64 -3.53
C GLY A 25 15.30 -4.17 -3.70
N VAL A 26 14.70 -3.47 -4.65
CA VAL A 26 14.95 -2.03 -4.92
C VAL A 26 13.79 -1.23 -4.34
N ASN A 27 14.05 -0.29 -3.44
CA ASN A 27 12.97 0.52 -2.81
C ASN A 27 12.64 1.76 -3.64
N GLY A 28 11.36 2.11 -3.67
CA GLY A 28 10.93 3.45 -4.09
C GLY A 28 11.30 4.49 -3.05
N SER A 29 11.37 5.75 -3.45
CA SER A 29 11.56 6.89 -2.52
C SER A 29 10.74 8.05 -3.06
N SER A 30 10.51 9.07 -2.23
CA SER A 30 9.70 10.25 -2.61
CA SER A 30 9.68 10.23 -2.63
C SER A 30 10.29 10.92 -3.85
N GLU A 31 11.61 10.86 -4.01
CA GLU A 31 12.34 11.57 -5.09
C GLU A 31 12.54 10.69 -6.32
N LYS A 32 12.45 9.37 -6.20
CA LYS A 32 12.88 8.43 -7.27
C LYS A 32 12.11 7.12 -7.19
N GLU A 33 11.40 6.77 -8.26
CA GLU A 33 10.74 5.46 -8.41
CA GLU A 33 10.73 5.45 -8.39
C GLU A 33 11.78 4.34 -8.24
N ALA A 34 11.34 3.17 -7.80
CA ALA A 34 12.18 1.95 -7.79
C ALA A 34 12.49 1.57 -9.24
N LEU A 35 13.76 1.62 -9.63
CA LEU A 35 14.16 1.27 -11.01
C LEU A 35 14.55 -0.21 -11.04
N VAL A 36 13.78 -1.02 -11.73
CA VAL A 36 14.02 -2.48 -11.84
C VAL A 36 14.71 -2.73 -13.17
N SER A 37 15.96 -3.19 -13.14
CA SER A 37 16.72 -3.47 -14.37
C SER A 37 15.97 -4.56 -15.16
N PHE A 38 16.10 -4.52 -16.48
CA PHE A 38 15.50 -5.57 -17.33
C PHE A 38 15.98 -6.94 -16.85
N GLU A 39 17.28 -7.06 -16.54
CA GLU A 39 17.89 -8.34 -16.10
CA GLU A 39 17.89 -8.34 -16.11
C GLU A 39 17.14 -8.84 -14.86
N ASN A 40 16.96 -7.98 -13.87
CA ASN A 40 16.22 -8.32 -12.62
C ASN A 40 14.83 -8.81 -12.99
N SER A 41 14.18 -8.17 -13.96
CA SER A 41 12.77 -8.44 -14.33
C SER A 41 12.61 -9.78 -15.06
N LYS A 42 13.70 -10.39 -15.57
CA LYS A 42 13.61 -11.58 -16.45
C LYS A 42 12.96 -12.75 -15.71
N ASP A 43 13.15 -12.85 -14.40
CA ASP A 43 12.54 -13.94 -13.60
C ASP A 43 11.32 -13.41 -12.85
N GLY A 44 10.65 -12.41 -13.40
CA GLY A 44 9.56 -11.71 -12.71
C GLY A 44 10.12 -10.72 -11.71
N VAL A 45 9.23 -9.96 -11.09
CA VAL A 45 9.62 -8.91 -10.12
C VAL A 45 8.96 -9.27 -8.80
N ASP A 46 9.76 -9.52 -7.77
CA ASP A 46 9.24 -9.73 -6.40
C ASP A 46 8.75 -8.38 -5.89
N VAL A 47 7.47 -8.27 -5.53
CA VAL A 47 6.91 -6.96 -5.10
C VAL A 47 6.43 -7.07 -3.66
N LYS A 48 7.04 -6.28 -2.79
CA LYS A 48 6.58 -6.11 -1.39
C LYS A 48 6.27 -4.63 -1.18
N ASP A 49 5.55 -4.34 -0.13
CA ASP A 49 5.17 -2.95 0.19
C ASP A 49 5.11 -2.82 1.71
N THR A 50 5.83 -1.87 2.26
CA THR A 50 5.75 -1.56 3.71
C THR A 50 4.89 -0.32 3.88
N ILE A 51 3.99 -0.39 4.87
CA ILE A 51 2.89 0.60 5.07
CA ILE A 51 2.92 0.61 5.05
C ILE A 51 3.03 1.19 6.47
N ASN A 52 3.46 2.44 6.56
CA ASN A 52 3.55 3.16 7.85
C ASN A 52 2.18 3.79 8.11
N TYR A 53 1.58 3.44 9.23
CA TYR A 53 0.27 4.01 9.63
C TYR A 53 0.46 4.87 10.88
N GLU A 54 -0.34 5.93 10.96
CA GLU A 54 -0.39 6.87 12.10
C GLU A 54 -1.85 7.23 12.34
N GLY A 55 -2.22 7.47 13.59
CA GLY A 55 -3.55 7.99 13.95
C GLY A 55 -4.62 6.93 13.86
N LEU A 56 -4.27 5.66 13.99
CA LEU A 56 -5.26 4.57 14.09
C LEU A 56 -5.53 4.31 15.57
N VAL A 57 -6.45 3.41 15.86
CA VAL A 57 -6.87 3.14 17.26
C VAL A 57 -6.08 1.93 17.76
N ALA A 58 -5.30 2.13 18.81
CA ALA A 58 -4.40 1.10 19.36
C ALA A 58 -5.15 -0.21 19.60
N ASN A 59 -4.57 -1.33 19.16
CA ASN A 59 -4.99 -2.72 19.50
C ASN A 59 -6.26 -3.11 18.74
N GLN A 60 -6.73 -2.31 17.78
CA GLN A 60 -7.97 -2.61 17.02
C GLN A 60 -7.62 -3.29 15.69
N ASN A 61 -8.51 -4.15 15.22
CA ASN A 61 -8.34 -4.91 13.95
C ASN A 61 -8.73 -4.02 12.77
N TYR A 62 -7.94 -4.12 11.71
CA TYR A 62 -8.20 -3.45 10.42
C TYR A 62 -8.08 -4.50 9.31
N THR A 63 -8.87 -4.33 8.26
CA THR A 63 -8.67 -5.03 6.98
C THR A 63 -7.78 -4.15 6.12
N LEU A 64 -6.63 -4.67 5.72
CA LEU A 64 -5.63 -3.95 4.90
C LEU A 64 -5.67 -4.53 3.50
N THR A 65 -5.94 -3.69 2.51
CA THR A 65 -5.97 -4.07 1.08
C THR A 65 -4.89 -3.29 0.34
N GLY A 66 -3.99 -4.00 -0.33
CA GLY A 66 -3.01 -3.40 -1.24
C GLY A 66 -3.33 -3.79 -2.65
N THR A 67 -3.20 -2.85 -3.58
CA THR A 67 -3.47 -3.09 -5.00
C THR A 67 -2.26 -2.62 -5.79
N LEU A 68 -1.69 -3.53 -6.57
CA LEU A 68 -0.61 -3.19 -7.52
C LEU A 68 -1.28 -2.80 -8.84
N MET A 69 -1.12 -1.52 -9.20
CA MET A 69 -1.74 -0.92 -10.38
C MET A 69 -0.70 -0.76 -11.48
N HIS A 70 -1.09 -1.11 -12.69
CA HIS A 70 -0.34 -0.77 -13.92
C HIS A 70 -0.82 0.61 -14.37
N VAL A 71 0.12 1.54 -14.53
CA VAL A 71 -0.17 2.88 -15.07
C VAL A 71 -0.12 2.80 -16.60
N LYS A 72 -1.26 2.95 -17.25
CA LYS A 72 -1.35 2.85 -18.72
C LYS A 72 -0.88 4.18 -19.33
N ALA A 73 -0.63 4.17 -20.64
CA ALA A 73 -0.12 5.33 -21.39
C ALA A 73 -1.04 6.55 -21.20
N ASP A 74 -2.36 6.32 -21.09
CA ASP A 74 -3.36 7.41 -20.99
C ASP A 74 -3.56 7.87 -19.55
N GLY A 75 -2.77 7.36 -18.60
CA GLY A 75 -2.84 7.75 -17.17
C GLY A 75 -3.90 6.97 -16.42
N SER A 76 -4.69 6.14 -17.08
CA SER A 76 -5.64 5.23 -16.40
C SER A 76 -4.86 4.08 -15.77
N LEU A 77 -5.45 3.50 -14.74
CA LEU A 77 -4.82 2.43 -13.94
C LEU A 77 -5.61 1.15 -14.12
N GLU A 78 -4.90 0.02 -14.14
CA GLU A 78 -5.56 -1.30 -14.12
C GLU A 78 -4.89 -2.15 -13.05
N GLU A 79 -5.73 -2.86 -12.30
CA GLU A 79 -5.26 -3.75 -11.22
CA GLU A 79 -5.25 -3.74 -11.21
C GLU A 79 -4.51 -4.93 -11.85
N ILE A 80 -3.29 -5.17 -11.36
N ILE A 80 -3.35 -5.29 -11.34
CA ILE A 80 -2.42 -6.33 -11.71
CA ILE A 80 -2.70 -6.55 -11.80
C ILE A 80 -2.57 -7.40 -10.62
C ILE A 80 -2.42 -7.47 -10.60
N ALA A 81 -2.52 -7.00 -9.35
CA ALA A 81 -2.51 -7.90 -8.19
C ALA A 81 -3.16 -7.17 -7.03
N THR A 82 -3.74 -7.96 -6.14
N THR A 82 -3.84 -7.92 -6.15
CA THR A 82 -4.43 -7.47 -4.92
CA THR A 82 -4.45 -7.39 -4.91
C THR A 82 -3.99 -8.40 -3.79
C THR A 82 -4.19 -8.36 -3.75
N LYS A 83 -3.76 -7.83 -2.61
CA LYS A 83 -3.49 -8.63 -1.40
C LYS A 83 -4.28 -8.01 -0.26
N THR A 84 -5.05 -8.84 0.43
CA THR A 84 -5.86 -8.43 1.60
CA THR A 84 -5.85 -8.44 1.60
C THR A 84 -5.37 -9.21 2.82
N THR A 85 -5.08 -8.50 3.91
CA THR A 85 -4.70 -9.13 5.20
C THR A 85 -5.57 -8.53 6.30
N ASN A 86 -5.65 -9.28 7.39
N ASN A 86 -5.63 -9.26 7.40
CA ASN A 86 -6.30 -8.82 8.63
CA ASN A 86 -6.29 -8.80 8.64
C ASN A 86 -5.19 -8.53 9.64
C ASN A 86 -5.18 -8.52 9.64
N VAL A 87 -5.09 -7.27 10.06
CA VAL A 87 -3.95 -6.74 10.85
C VAL A 87 -4.49 -6.03 12.08
N THR A 88 -3.58 -5.65 12.95
CA THR A 88 -3.89 -4.99 14.23
C THR A 88 -3.01 -3.75 14.35
N ALA A 89 -3.60 -2.61 14.69
N ALA A 89 -3.58 -2.60 14.70
CA ALA A 89 -2.86 -1.36 14.97
CA ALA A 89 -2.81 -1.39 15.07
C ALA A 89 -2.06 -1.52 16.27
C ALA A 89 -2.05 -1.69 16.38
N GLY A 90 -0.87 -0.92 16.29
N GLY A 90 -0.74 -1.45 16.39
CA GLY A 90 0.03 -0.93 17.46
CA GLY A 90 0.15 -1.76 17.53
C GLY A 90 -0.54 -0.13 18.62
C GLY A 90 -0.02 -0.78 18.67
N GLU A 91 0.21 -0.12 19.74
N GLU A 91 0.80 -0.91 19.72
CA GLU A 91 -0.25 0.23 21.12
CA GLU A 91 1.01 0.13 20.76
C GLU A 91 -0.54 1.73 21.29
C GLU A 91 1.11 1.48 20.03
N ASN A 92 -0.30 2.56 20.27
N ASN A 92 0.29 2.44 20.47
CA ASN A 92 -0.43 4.04 20.29
CA ASN A 92 0.36 3.89 20.16
C ASN A 92 -1.05 4.43 18.95
C ASN A 92 -0.46 4.24 18.91
N GLY A 93 -1.47 3.42 18.18
N GLY A 93 -1.16 3.27 18.30
CA GLY A 93 -2.16 3.57 16.89
CA GLY A 93 -2.01 3.51 17.12
C GLY A 93 -1.19 3.89 15.76
C GLY A 93 -1.20 3.86 15.88
N ASN A 94 0.11 3.59 15.93
CA ASN A 94 1.05 3.82 14.81
CA ASN A 94 1.07 3.82 14.82
C ASN A 94 1.98 2.61 14.71
N GLY A 95 2.60 2.44 13.56
CA GLY A 95 3.50 1.31 13.31
C GLY A 95 3.62 1.04 11.83
N THR A 96 4.03 -0.17 11.50
CA THR A 96 4.26 -0.59 10.10
C THR A 96 3.62 -1.96 9.88
N TRP A 97 2.89 -2.06 8.76
CA TRP A 97 2.40 -3.35 8.22
C TRP A 97 3.15 -3.64 6.94
N GLY A 98 3.02 -4.86 6.44
CA GLY A 98 3.61 -5.23 5.15
C GLY A 98 2.65 -6.04 4.31
N LEU A 99 2.79 -5.93 3.01
CA LEU A 99 2.08 -6.77 2.03
C LEU A 99 3.10 -7.32 1.04
N ASP A 100 3.10 -8.63 0.91
CA ASP A 100 3.96 -9.34 -0.05
C ASP A 100 3.08 -9.81 -1.21
N PHE A 101 3.21 -9.19 -2.38
CA PHE A 101 2.47 -9.58 -3.59
C PHE A 101 3.13 -10.77 -4.29
N GLY A 102 4.30 -11.20 -3.82
CA GLY A 102 5.06 -12.28 -4.47
C GLY A 102 5.59 -11.84 -5.82
N ASN A 103 5.88 -12.82 -6.67
CA ASN A 103 6.55 -12.60 -7.95
C ASN A 103 5.50 -12.19 -8.99
N GLN A 104 5.70 -11.04 -9.63
CA GLN A 104 4.75 -10.47 -10.60
C GLN A 104 5.43 -10.36 -11.96
N LYS A 105 4.70 -10.65 -13.03
CA LYS A 105 5.27 -10.67 -14.39
C LYS A 105 5.11 -9.27 -14.98
N LEU A 106 6.00 -8.36 -14.56
CA LEU A 106 5.96 -6.93 -14.94
C LEU A 106 6.83 -6.71 -16.17
N GLN A 107 6.43 -5.78 -17.03
CA GLN A 107 6.94 -5.71 -18.41
C GLN A 107 7.81 -4.47 -18.64
N VAL A 108 8.79 -4.66 -19.51
CA VAL A 108 9.78 -3.62 -19.88
C VAL A 108 9.04 -2.34 -20.31
N GLY A 109 9.50 -1.20 -19.81
CA GLY A 109 9.00 0.12 -20.19
C GLY A 109 7.77 0.53 -19.42
N GLU A 110 7.22 -0.33 -18.56
CA GLU A 110 5.95 -0.05 -17.88
C GLU A 110 6.18 0.38 -16.43
N LYS A 111 5.26 1.21 -15.97
CA LYS A 111 5.22 1.79 -14.60
CA LYS A 111 5.23 1.79 -14.61
C LYS A 111 4.09 1.15 -13.81
N TYR A 112 4.36 0.85 -12.55
CA TYR A 112 3.38 0.22 -11.63
C TYR A 112 3.43 0.97 -10.31
N VAL A 113 2.29 1.09 -9.65
CA VAL A 113 2.21 1.84 -8.37
C VAL A 113 1.34 1.05 -7.41
N VAL A 114 1.71 1.09 -6.14
CA VAL A 114 0.94 0.37 -5.09
C VAL A 114 0.02 1.37 -4.39
N PHE A 115 -1.25 0.99 -4.31
CA PHE A 115 -2.31 1.67 -3.53
C PHE A 115 -2.59 0.85 -2.28
N GLU A 116 -2.97 1.52 -1.20
CA GLU A 116 -3.28 0.86 0.09
C GLU A 116 -4.56 1.46 0.66
N ASN A 117 -5.33 0.62 1.35
CA ASN A 117 -6.57 1.01 2.05
CA ASN A 117 -6.41 1.17 2.18
C ASN A 117 -6.61 0.25 3.38
N ALA A 118 -6.93 0.89 4.49
CA ALA A 118 -7.15 0.18 5.77
C ALA A 118 -8.52 0.61 6.28
N GLU A 119 -9.36 -0.37 6.63
N GLU A 119 -9.36 -0.37 6.62
CA GLU A 119 -10.72 -0.13 7.18
CA GLU A 119 -10.72 -0.13 7.18
CA GLU A 119 -10.75 -0.15 7.15
C GLU A 119 -10.84 -0.86 8.50
C GLU A 119 -10.83 -0.86 8.51
N SER A 120 -11.25 -0.18 9.57
CA SER A 120 -11.43 -0.85 10.87
C SER A 120 -12.51 -1.92 10.70
N VAL A 121 -12.34 -3.05 11.37
CA VAL A 121 -13.34 -4.15 11.31
C VAL A 121 -14.59 -3.72 12.08
N GLU A 122 -14.41 -3.08 13.24
CA GLU A 122 -15.53 -2.53 14.04
C GLU A 122 -15.73 -1.06 13.73
N ASN A 123 -16.91 -0.56 14.09
CA ASN A 123 -17.13 0.90 14.18
C ASN A 123 -16.17 1.47 15.22
N LEU A 124 -15.47 2.55 14.88
CA LEU A 124 -14.52 3.21 15.81
C LEU A 124 -14.79 4.71 15.94
N ILE A 125 -15.76 5.25 15.22
CA ILE A 125 -16.01 6.71 15.16
C ILE A 125 -17.47 6.98 15.53
N ASP A 126 -17.67 7.98 16.38
CA ASP A 126 -19.00 8.56 16.70
C ASP A 126 -19.19 9.77 15.79
N THR A 127 -20.17 9.72 14.89
CA THR A 127 -20.41 10.80 13.90
C THR A 127 -21.64 11.65 14.26
N ASP A 128 -22.33 11.37 15.37
CA ASP A 128 -23.59 12.10 15.69
C ASP A 128 -23.65 12.47 17.18
N LYS A 129 -22.50 12.57 17.86
CA LYS A 129 -22.37 13.18 19.19
C LYS A 129 -23.21 12.43 20.24
N ASP A 130 -23.44 11.13 20.07
CA ASP A 130 -24.15 10.34 21.11
C ASP A 130 -23.18 9.45 21.89
N TYR A 131 -21.87 9.56 21.61
CA TYR A 131 -20.79 8.81 22.33
C TYR A 131 -21.03 7.30 22.20
N ASN A 132 -21.71 6.92 21.12
CA ASN A 132 -21.81 5.52 20.65
CA ASN A 132 -21.81 5.52 20.65
C ASN A 132 -21.13 5.42 19.28
N LEU A 133 -20.34 4.39 19.08
CA LEU A 133 -19.56 4.22 17.83
C LEU A 133 -20.48 3.74 16.72
N ASP A 134 -20.42 4.40 15.56
CA ASP A 134 -21.40 4.13 14.47
C ASP A 134 -20.74 4.00 13.09
N THR A 135 -19.46 4.37 12.95
CA THR A 135 -18.80 4.43 11.62
C THR A 135 -17.40 3.82 11.72
N LYS A 136 -16.98 3.12 10.67
CA LYS A 136 -15.63 2.54 10.57
C LYS A 136 -14.61 3.64 10.30
N GLN A 137 -13.41 3.50 10.83
CA GLN A 137 -12.27 4.35 10.42
C GLN A 137 -11.73 3.80 9.10
N VAL A 138 -11.63 4.66 8.09
CA VAL A 138 -11.11 4.31 6.75
C VAL A 138 -9.95 5.25 6.44
N VAL A 139 -8.80 4.70 6.13
N VAL A 139 -8.79 4.71 6.07
CA VAL A 139 -7.62 5.48 5.71
CA VAL A 139 -7.56 5.49 5.76
C VAL A 139 -7.14 4.88 4.38
C VAL A 139 -6.94 4.92 4.49
N LYS A 140 -6.75 5.74 3.46
CA LYS A 140 -6.27 5.24 2.15
C LYS A 140 -5.07 6.06 1.70
N HIS A 141 -4.28 5.42 0.88
CA HIS A 141 -3.18 6.08 0.13
C HIS A 141 -3.26 5.57 -1.30
N GLU A 142 -3.88 6.37 -2.17
CA GLU A 142 -4.16 6.02 -3.57
C GLU A 142 -3.59 7.13 -4.45
N ASP A 143 -2.28 7.26 -4.44
CA ASP A 143 -1.57 8.37 -5.11
C ASP A 143 -0.69 7.79 -6.22
N LYS A 144 -1.15 7.88 -7.46
CA LYS A 144 -0.40 7.29 -8.59
C LYS A 144 0.85 8.14 -8.88
N ASN A 145 0.98 9.29 -8.24
CA ASN A 145 2.14 10.19 -8.43
C ASN A 145 3.14 10.04 -7.27
N ASP A 146 2.91 9.12 -6.34
CA ASP A 146 3.83 8.91 -5.19
C ASP A 146 4.97 7.99 -5.65
N LYS A 147 6.15 8.56 -5.88
CA LYS A 147 7.32 7.79 -6.41
CA LYS A 147 7.30 7.78 -6.42
C LYS A 147 7.74 6.73 -5.39
N ALA A 148 7.48 6.93 -4.09
CA ALA A 148 7.86 5.94 -3.06
C ALA A 148 7.10 4.63 -3.28
N GLN A 149 5.93 4.69 -3.90
CA GLN A 149 5.04 3.53 -4.15
C GLN A 149 5.20 3.02 -5.58
N THR A 150 6.12 3.57 -6.36
CA THR A 150 6.17 3.36 -7.82
C THR A 150 7.42 2.55 -8.21
N LEU A 151 7.26 1.64 -9.17
CA LEU A 151 8.41 0.95 -9.78
C LEU A 151 8.30 1.10 -11.29
N VAL A 152 9.44 1.11 -11.95
CA VAL A 152 9.55 1.17 -13.44
CA VAL A 152 9.48 1.11 -13.44
C VAL A 152 10.46 0.02 -13.87
N VAL A 153 10.05 -0.73 -14.88
CA VAL A 153 10.93 -1.78 -15.46
C VAL A 153 11.73 -1.15 -16.59
N GLU A 154 13.04 -1.16 -16.45
CA GLU A 154 13.96 -0.50 -17.39
C GLU A 154 14.16 -1.36 -18.64
N LYS A 155 14.51 -0.69 -19.73
CA LYS A 155 14.89 -1.34 -21.00
C LYS A 155 16.21 -2.09 -20.84
N PRO A 156 16.44 -3.15 -21.64
CA PRO A 156 17.71 -3.87 -21.64
C PRO A 156 18.87 -2.97 -22.07
C1 EDO B . 5.78 -8.13 3.39
O1 EDO B . 6.53 -6.96 3.32
C2 EDO B . 5.03 -8.29 4.63
O2 EDO B . 4.06 -9.29 4.58
CA CA C . -22.83 7.77 17.35
CA CA D . 13.40 -10.58 -10.43
#